data_8A0R
#
_entry.id   8A0R
#
_cell.length_a   56.338
_cell.length_b   56.338
_cell.length_c   182.615
_cell.angle_alpha   90
_cell.angle_beta   90
_cell.angle_gamma   90
#
_symmetry.space_group_name_H-M   'P 41 21 2'
#
loop_
_entity.id
_entity.type
_entity.pdbx_description
1 polymer 'Glutathione transferase'
2 non-polymer pinocembrin
3 non-polymer 'CHLORIDE ION'
4 non-polymer 2-AMINO-2-HYDROXYMETHYL-PROPANE-1,3-DIOL
5 water water
#
_entity_poly.entity_id   1
_entity_poly.type   'polypeptide(L)'
_entity_poly.pdbx_seq_one_letter_code
;MADVKLHGSWVSPFNYRVIWALKLKGVEFEHIVEDLTNKSELLLKYNPVYKKIPVLVHGGKPIAESLVILEYIEETWPEN
PLLPTDPYERAMARFWIQYGATKTAAFGALFRASGEELEKAAKEVVEVLRVLEEQGLGDKKFFGGDSINLVDISFGLFTC
WLEAIEEAAGVKVLEPSTLPRLHAWAQNFIEVPLIKENIPDYDKLLLHMKGVREKMMNK
;
_entity_poly.pdbx_strand_id   A
#
loop_
_chem_comp.id
_chem_comp.type
_chem_comp.name
_chem_comp.formula
CL non-polymer 'CHLORIDE ION' 'Cl -1'
KML non-polymer pinocembrin 'C15 H12 O4'
TRS non-polymer 2-AMINO-2-HYDROXYMETHYL-PROPANE-1,3-DIOL 'C4 H12 N O3 1'
#
# COMPACT_ATOMS: atom_id res chain seq x y z
N ASP A 3 5.11 -19.58 14.11
CA ASP A 3 3.94 -19.05 14.80
C ASP A 3 3.20 -18.02 13.96
N VAL A 4 3.94 -17.24 13.17
CA VAL A 4 3.33 -16.27 12.27
C VAL A 4 3.80 -16.58 10.86
N LYS A 5 2.88 -16.76 9.93
CA LYS A 5 3.18 -17.00 8.54
C LYS A 5 2.48 -15.95 7.69
N LEU A 6 3.12 -15.50 6.62
CA LEU A 6 2.50 -14.54 5.71
C LEU A 6 2.50 -15.13 4.31
N HIS A 7 1.32 -15.42 3.78
CA HIS A 7 1.18 -15.92 2.42
C HIS A 7 1.19 -14.67 1.58
N GLY A 8 2.31 -14.46 0.89
CA GLY A 8 2.52 -13.21 0.17
C GLY A 8 2.97 -13.28 -1.25
N SER A 9 3.73 -12.26 -1.61
CA SER A 9 4.16 -11.99 -2.97
C SER A 9 5.39 -11.10 -2.92
N TRP A 10 6.19 -11.14 -4.00
CA TRP A 10 7.34 -10.27 -4.10
C TRP A 10 7.01 -8.89 -4.64
N VAL A 11 5.77 -8.68 -5.17
CA VAL A 11 5.42 -7.40 -5.77
C VAL A 11 4.17 -6.74 -5.20
N SER A 12 3.26 -7.49 -4.58
CA SER A 12 2.00 -6.89 -4.12
C SER A 12 2.21 -5.77 -3.13
N PRO A 13 1.69 -4.55 -3.38
CA PRO A 13 1.79 -3.49 -2.36
C PRO A 13 1.00 -3.85 -1.12
N PHE A 14 -0.09 -4.64 -1.27
CA PHE A 14 -0.92 -5.03 -0.13
C PHE A 14 -0.17 -5.97 0.78
N ASN A 15 0.63 -6.86 0.21
CA ASN A 15 1.47 -7.75 1.00
C ASN A 15 2.56 -6.92 1.72
N TYR A 16 3.18 -5.94 1.02
CA TYR A 16 4.22 -5.11 1.66
C TYR A 16 3.69 -4.30 2.85
N ARG A 17 2.40 -3.89 2.84
CA ARG A 17 1.81 -3.22 4.03
C ARG A 17 1.97 -4.09 5.29
N VAL A 18 1.72 -5.40 5.12
CA VAL A 18 1.79 -6.37 6.21
C VAL A 18 3.22 -6.61 6.63
N ILE A 19 4.14 -6.73 5.66
CA ILE A 19 5.59 -6.87 5.99
C ILE A 19 6.05 -5.69 6.87
N TRP A 20 5.69 -4.46 6.45
CA TRP A 20 6.07 -3.28 7.22
C TRP A 20 5.53 -3.29 8.64
N ALA A 21 4.26 -3.64 8.80
CA ALA A 21 3.65 -3.62 10.13
C ALA A 21 4.30 -4.69 11.02
N LEU A 22 4.57 -5.86 10.47
CA LEU A 22 5.22 -6.94 11.26
C LEU A 22 6.64 -6.51 11.67
N LYS A 23 7.35 -5.87 10.75
CA LYS A 23 8.73 -5.44 11.07
C LYS A 23 8.76 -4.30 12.06
N LEU A 24 7.75 -3.40 12.03
CA LEU A 24 7.63 -2.32 13.00
C LEU A 24 7.34 -2.86 14.40
N LYS A 25 6.64 -4.00 14.49
CA LYS A 25 6.34 -4.63 15.77
C LYS A 25 7.45 -5.57 16.22
N GLY A 26 8.42 -5.88 15.36
CA GLY A 26 9.50 -6.83 15.67
C GLY A 26 9.02 -8.27 15.72
N VAL A 27 7.98 -8.58 14.95
CA VAL A 27 7.42 -9.92 14.93
C VAL A 27 8.11 -10.79 13.94
N GLU A 28 8.61 -11.94 14.40
CA GLU A 28 9.23 -12.90 13.53
C GLU A 28 8.16 -13.62 12.72
N PHE A 29 8.42 -13.81 11.43
CA PHE A 29 7.43 -14.50 10.58
C PHE A 29 8.07 -15.22 9.41
N GLU A 30 7.36 -16.22 8.87
CA GLU A 30 7.82 -16.91 7.68
C GLU A 30 7.05 -16.36 6.47
N HIS A 31 7.76 -15.87 5.47
CA HIS A 31 7.14 -15.36 4.24
C HIS A 31 7.03 -16.50 3.20
N ILE A 32 5.79 -16.88 2.86
CA ILE A 32 5.48 -17.95 1.91
C ILE A 32 5.00 -17.30 0.63
N VAL A 33 5.84 -17.23 -0.40
CA VAL A 33 5.46 -16.57 -1.65
C VAL A 33 4.60 -17.47 -2.52
N GLU A 34 3.36 -17.04 -2.76
CA GLU A 34 2.42 -17.80 -3.55
C GLU A 34 2.55 -17.56 -5.04
N ASP A 35 2.33 -18.61 -5.83
CA ASP A 35 2.28 -18.51 -7.29
C ASP A 35 0.78 -18.36 -7.52
N LEU A 36 0.34 -17.21 -8.04
CA LEU A 36 -1.09 -16.95 -8.22
C LEU A 36 -1.71 -17.73 -9.38
N THR A 37 -0.90 -18.28 -10.30
CA THR A 37 -1.44 -19.12 -11.37
C THR A 37 -1.69 -20.57 -10.89
N ASN A 38 -1.10 -20.97 -9.76
CA ASN A 38 -1.28 -22.29 -9.16
C ASN A 38 -1.30 -22.11 -7.64
N LYS A 39 -2.40 -21.59 -7.11
CA LYS A 39 -2.54 -21.31 -5.68
C LYS A 39 -2.46 -22.57 -4.83
N SER A 40 -1.74 -22.48 -3.71
CA SER A 40 -1.56 -23.60 -2.79
C SER A 40 -2.88 -24.01 -2.14
N GLU A 41 -2.95 -25.25 -1.65
CA GLU A 41 -4.14 -25.72 -0.95
C GLU A 41 -4.35 -24.92 0.34
N LEU A 42 -3.25 -24.51 1.01
CA LEU A 42 -3.34 -23.71 2.23
C LEU A 42 -3.96 -22.34 1.94
N LEU A 43 -3.57 -21.68 0.83
CA LEU A 43 -4.16 -20.38 0.49
C LEU A 43 -5.67 -20.46 0.27
N LEU A 44 -6.13 -21.48 -0.48
CA LEU A 44 -7.56 -21.63 -0.75
C LEU A 44 -8.35 -22.00 0.51
N LYS A 45 -7.72 -22.72 1.46
CA LYS A 45 -8.36 -23.09 2.71
C LYS A 45 -8.43 -21.90 3.67
N TYR A 46 -7.34 -21.13 3.74
CA TYR A 46 -7.24 -19.98 4.63
C TYR A 46 -8.06 -18.78 4.15
N ASN A 47 -8.17 -18.58 2.83
CA ASN A 47 -8.94 -17.46 2.28
C ASN A 47 -9.96 -17.94 1.24
N PRO A 48 -10.98 -18.70 1.64
CA PRO A 48 -11.97 -19.19 0.67
C PRO A 48 -12.82 -18.10 0.02
N VAL A 49 -13.10 -17.00 0.76
CA VAL A 49 -13.94 -15.92 0.23
C VAL A 49 -13.32 -15.17 -0.96
N TYR A 50 -12.02 -14.80 -0.86
CA TYR A 50 -11.38 -14.04 -1.95
C TYR A 50 -10.27 -14.77 -2.72
N LYS A 51 -9.67 -15.81 -2.14
CA LYS A 51 -8.56 -16.59 -2.75
C LYS A 51 -7.42 -15.67 -3.19
N LYS A 52 -7.09 -14.69 -2.35
CA LYS A 52 -6.06 -13.71 -2.65
C LYS A 52 -5.01 -13.65 -1.55
N ILE A 53 -3.87 -13.03 -1.86
CA ILE A 53 -2.87 -12.71 -0.86
C ILE A 53 -2.97 -11.18 -0.62
N PRO A 54 -2.50 -10.69 0.52
CA PRO A 54 -1.89 -11.43 1.65
C PRO A 54 -2.88 -12.13 2.57
N VAL A 55 -2.38 -13.19 3.22
CA VAL A 55 -3.10 -13.84 4.29
C VAL A 55 -2.11 -14.02 5.42
N LEU A 56 -2.42 -13.50 6.61
CA LEU A 56 -1.58 -13.68 7.77
C LEU A 56 -2.11 -14.91 8.51
N VAL A 57 -1.24 -15.81 8.97
CA VAL A 57 -1.68 -16.99 9.71
C VAL A 57 -0.99 -16.94 11.04
N HIS A 58 -1.75 -16.82 12.12
CA HIS A 58 -1.17 -16.68 13.45
C HIS A 58 -1.71 -17.78 14.32
N GLY A 59 -0.81 -18.68 14.77
CA GLY A 59 -1.27 -19.83 15.55
C GLY A 59 -2.20 -20.73 14.76
N GLY A 60 -1.97 -20.81 13.46
CA GLY A 60 -2.78 -21.61 12.54
C GLY A 60 -4.10 -21.01 12.11
N LYS A 61 -4.42 -19.79 12.59
CA LYS A 61 -5.67 -19.09 12.30
C LYS A 61 -5.45 -17.98 11.28
N PRO A 62 -6.21 -17.99 10.18
CA PRO A 62 -5.97 -17.02 9.11
C PRO A 62 -6.70 -15.69 9.20
N ILE A 63 -6.04 -14.63 8.74
CA ILE A 63 -6.64 -13.31 8.69
C ILE A 63 -6.37 -12.82 7.27
N ALA A 64 -7.42 -12.55 6.49
CA ALA A 64 -7.27 -12.05 5.13
C ALA A 64 -7.65 -10.55 5.06
N GLU A 65 -7.22 -9.89 3.96
CA GLU A 65 -7.47 -8.47 3.64
C GLU A 65 -6.45 -7.61 4.37
N SER A 66 -5.59 -6.92 3.61
CA SER A 66 -4.51 -6.15 4.24
C SER A 66 -4.98 -5.17 5.30
N LEU A 67 -6.08 -4.46 5.08
CA LEU A 67 -6.52 -3.51 6.12
C LEU A 67 -6.99 -4.20 7.42
N VAL A 68 -7.63 -5.38 7.29
CA VAL A 68 -8.05 -6.15 8.45
C VAL A 68 -6.80 -6.70 9.18
N ILE A 69 -5.83 -7.20 8.40
CA ILE A 69 -4.58 -7.70 8.98
C ILE A 69 -3.86 -6.62 9.78
N LEU A 70 -3.76 -5.42 9.20
CA LEU A 70 -3.05 -4.32 9.89
C LEU A 70 -3.68 -4.01 11.24
N GLU A 71 -5.04 -3.96 11.33
CA GLU A 71 -5.67 -3.67 12.62
C GLU A 71 -5.48 -4.84 13.59
N TYR A 72 -5.45 -6.08 13.07
CA TYR A 72 -5.18 -7.26 13.91
C TYR A 72 -3.78 -7.19 14.51
N ILE A 73 -2.79 -6.79 13.69
CA ILE A 73 -1.41 -6.69 14.16
C ILE A 73 -1.33 -5.61 15.23
N GLU A 74 -1.98 -4.45 15.00
CA GLU A 74 -1.98 -3.37 15.97
C GLU A 74 -2.62 -3.78 17.32
N GLU A 75 -3.67 -4.61 17.27
CA GLU A 75 -4.32 -5.04 18.51
C GLU A 75 -3.59 -6.19 19.19
N THR A 76 -2.94 -7.06 18.43
CA THR A 76 -2.26 -8.24 18.96
C THR A 76 -0.90 -7.93 19.57
N TRP A 77 -0.16 -6.99 18.93
CA TRP A 77 1.13 -6.50 19.41
C TRP A 77 0.99 -4.99 19.64
N PRO A 78 0.43 -4.59 20.79
CA PRO A 78 0.15 -3.17 21.01
C PRO A 78 1.36 -2.26 21.22
N GLU A 79 2.52 -2.82 21.58
CA GLU A 79 3.73 -1.99 21.76
C GLU A 79 4.13 -1.39 20.39
N ASN A 80 4.84 -0.24 20.38
CA ASN A 80 5.21 0.44 19.11
C ASN A 80 3.87 0.78 18.36
N PRO A 81 2.95 1.54 19.01
CA PRO A 81 1.63 1.76 18.40
C PRO A 81 1.69 2.40 17.03
N LEU A 82 0.81 1.89 16.16
CA LEU A 82 0.64 2.36 14.79
C LEU A 82 -0.71 3.09 14.58
N LEU A 83 -1.46 3.33 15.68
CA LEU A 83 -2.65 4.15 15.68
C LEU A 83 -2.62 5.02 16.94
N PRO A 84 -3.22 6.20 16.87
CA PRO A 84 -3.27 7.06 18.06
C PRO A 84 -4.21 6.53 19.13
N THR A 85 -4.17 7.07 20.35
CA THR A 85 -5.04 6.60 21.43
C THR A 85 -6.39 7.32 21.42
N ASP A 86 -6.41 8.60 21.06
CA ASP A 86 -7.65 9.37 21.08
C ASP A 86 -8.67 8.86 20.05
N PRO A 87 -9.93 8.55 20.46
CA PRO A 87 -10.91 8.06 19.47
C PRO A 87 -11.15 8.96 18.27
N TYR A 88 -11.19 10.30 18.43
CA TYR A 88 -11.40 11.16 17.26
C TYR A 88 -10.20 11.04 16.29
N GLU A 89 -8.96 11.06 16.83
CA GLU A 89 -7.77 10.88 15.97
C GLU A 89 -7.76 9.51 15.31
N ARG A 90 -8.23 8.46 16.03
CA ARG A 90 -8.29 7.12 15.43
C ARG A 90 -9.33 7.11 14.32
N ALA A 91 -10.46 7.82 14.47
CA ALA A 91 -11.47 7.88 13.44
C ALA A 91 -10.93 8.60 12.21
N MET A 92 -10.14 9.67 12.41
CA MET A 92 -9.57 10.37 11.26
C MET A 92 -8.60 9.46 10.50
N ALA A 93 -7.82 8.65 11.24
CA ALA A 93 -6.91 7.71 10.60
C ALA A 93 -7.69 6.68 9.79
N ARG A 94 -8.78 6.12 10.38
CA ARG A 94 -9.57 5.13 9.64
C ARG A 94 -10.26 5.76 8.44
N PHE A 95 -10.69 7.03 8.56
CA PHE A 95 -11.33 7.75 7.47
C PHE A 95 -10.36 7.86 6.30
N TRP A 96 -9.11 8.26 6.56
CA TRP A 96 -8.17 8.43 5.45
C TRP A 96 -7.76 7.12 4.84
N ILE A 97 -7.64 6.07 5.66
CA ILE A 97 -7.35 4.74 5.15
C ILE A 97 -8.47 4.29 4.21
N GLN A 98 -9.74 4.50 4.63
N GLN A 98 -9.73 4.50 4.62
CA GLN A 98 -10.89 4.14 3.82
CA GLN A 98 -10.86 4.11 3.77
C GLN A 98 -10.96 4.97 2.53
C GLN A 98 -10.95 4.97 2.51
N TYR A 99 -10.53 6.23 2.59
CA TYR A 99 -10.50 7.12 1.42
C TYR A 99 -9.53 6.54 0.36
N GLY A 100 -8.36 6.11 0.80
CA GLY A 100 -7.39 5.50 -0.10
C GLY A 100 -7.92 4.22 -0.73
N ALA A 101 -8.60 3.39 0.08
CA ALA A 101 -9.17 2.12 -0.37
C ALA A 101 -10.26 2.33 -1.41
N THR A 102 -11.04 3.40 -1.32
CA THR A 102 -12.11 3.69 -2.27
C THR A 102 -11.58 4.28 -3.58
N LYS A 103 -10.50 5.07 -3.49
CA LYS A 103 -9.93 5.73 -4.65
C LYS A 103 -8.85 4.93 -5.40
N THR A 104 -8.28 3.88 -4.77
CA THR A 104 -7.25 3.04 -5.42
C THR A 104 -7.74 2.50 -6.79
N ALA A 105 -9.08 2.39 -6.99
CA ALA A 105 -9.71 1.98 -8.26
C ALA A 105 -9.47 2.99 -9.39
N ALA A 106 -9.56 4.32 -9.12
CA ALA A 106 -9.33 5.38 -10.12
C ALA A 106 -7.89 5.38 -10.71
N PHE A 107 -6.97 4.68 -10.06
CA PHE A 107 -5.62 4.52 -10.56
C PHE A 107 -5.56 3.49 -11.71
N GLY A 108 -6.57 2.61 -11.81
CA GLY A 108 -6.68 1.61 -12.87
C GLY A 108 -6.77 2.23 -14.23
N ALA A 109 -7.45 3.38 -14.33
CA ALA A 109 -7.59 4.13 -15.58
C ALA A 109 -6.21 4.49 -16.17
N LEU A 110 -5.15 4.55 -15.34
CA LEU A 110 -3.80 4.85 -15.84
C LEU A 110 -3.28 3.72 -16.75
N PHE A 111 -3.75 2.48 -16.55
CA PHE A 111 -3.35 1.34 -17.37
C PHE A 111 -4.43 0.89 -18.36
N ARG A 112 -5.47 1.72 -18.57
CA ARG A 112 -6.59 1.40 -19.45
C ARG A 112 -6.69 2.45 -20.55
N ALA A 113 -6.52 3.74 -20.20
CA ALA A 113 -6.64 4.84 -21.15
C ALA A 113 -5.36 5.15 -21.95
N SER A 114 -5.47 5.92 -23.06
CA SER A 114 -4.35 6.32 -23.91
C SER A 114 -4.47 7.79 -24.33
N GLY A 115 -3.33 8.40 -24.66
CA GLY A 115 -3.22 9.78 -25.14
C GLY A 115 -4.06 10.82 -24.43
N GLU A 116 -4.95 11.49 -25.18
CA GLU A 116 -5.85 12.52 -24.65
C GLU A 116 -7.12 11.90 -24.10
N GLU A 117 -6.94 11.20 -22.98
CA GLU A 117 -7.88 10.46 -22.13
C GLU A 117 -7.07 9.98 -20.90
N LEU A 118 -5.82 9.55 -21.13
CA LEU A 118 -4.87 9.16 -20.11
C LEU A 118 -4.41 10.40 -19.34
N GLU A 119 -4.29 11.57 -20.02
CA GLU A 119 -3.95 12.85 -19.37
C GLU A 119 -5.04 13.24 -18.38
N LYS A 120 -6.31 13.01 -18.75
CA LYS A 120 -7.49 13.30 -17.93
C LYS A 120 -7.54 12.36 -16.71
N ALA A 121 -7.15 11.09 -16.90
CA ALA A 121 -7.12 10.11 -15.83
C ALA A 121 -6.01 10.51 -14.83
N ALA A 122 -4.84 10.92 -15.33
CA ALA A 122 -3.74 11.36 -14.48
C ALA A 122 -4.14 12.62 -13.69
N LYS A 123 -4.82 13.57 -14.34
CA LYS A 123 -5.26 14.79 -13.64
C LYS A 123 -6.30 14.47 -12.55
N GLU A 124 -7.17 13.48 -12.77
CA GLU A 124 -8.15 13.05 -11.78
C GLU A 124 -7.43 12.42 -10.57
N VAL A 125 -6.39 11.61 -10.82
CA VAL A 125 -5.62 10.99 -9.74
C VAL A 125 -4.86 12.08 -8.94
N VAL A 126 -4.30 13.10 -9.64
CA VAL A 126 -3.64 14.21 -8.93
C VAL A 126 -4.63 14.89 -7.98
N GLU A 127 -5.89 15.08 -8.41
CA GLU A 127 -6.91 15.69 -7.56
C GLU A 127 -7.23 14.83 -6.35
N VAL A 128 -7.29 13.51 -6.52
CA VAL A 128 -7.49 12.58 -5.39
C VAL A 128 -6.34 12.73 -4.38
N LEU A 129 -5.10 12.77 -4.90
CA LEU A 129 -3.94 12.93 -4.05
C LEU A 129 -3.86 14.29 -3.38
N ARG A 130 -4.37 15.34 -4.05
CA ARG A 130 -4.33 16.68 -3.48
C ARG A 130 -5.25 16.78 -2.27
N VAL A 131 -6.42 16.12 -2.31
CA VAL A 131 -7.34 16.11 -1.15
C VAL A 131 -6.64 15.45 0.05
N LEU A 132 -5.97 14.34 -0.19
CA LEU A 132 -5.23 13.61 0.80
C LEU A 132 -4.09 14.47 1.36
N GLU A 133 -3.37 15.17 0.48
CA GLU A 133 -2.31 16.06 0.90
C GLU A 133 -2.82 17.22 1.80
N GLU A 134 -3.85 17.93 1.33
CA GLU A 134 -4.36 19.10 2.02
C GLU A 134 -5.10 18.79 3.33
N GLN A 135 -6.02 17.84 3.25
CA GLN A 135 -6.92 17.51 4.35
C GLN A 135 -6.41 16.39 5.24
N GLY A 136 -5.56 15.52 4.71
CA GLY A 136 -5.00 14.41 5.48
C GLY A 136 -3.61 14.66 6.04
N LEU A 137 -2.62 14.83 5.15
CA LEU A 137 -1.25 15.05 5.59
C LEU A 137 -1.02 16.42 6.25
N GLY A 138 -1.46 17.48 5.57
CA GLY A 138 -1.21 18.84 6.05
C GLY A 138 0.29 19.12 6.10
N ASP A 139 0.75 19.80 7.15
CA ASP A 139 2.15 20.16 7.35
C ASP A 139 2.96 19.13 8.16
N LYS A 140 2.39 17.95 8.42
CA LYS A 140 3.10 16.92 9.19
C LYS A 140 4.15 16.23 8.31
N LYS A 141 5.21 15.67 8.93
CA LYS A 141 6.22 14.93 8.15
C LYS A 141 5.59 13.66 7.59
N PHE A 142 4.85 12.93 8.46
CA PHE A 142 4.18 11.70 8.07
C PHE A 142 2.70 11.80 8.43
N PHE A 143 1.86 10.93 7.86
CA PHE A 143 0.45 10.88 8.25
C PHE A 143 0.35 10.56 9.79
N GLY A 144 1.35 9.84 10.31
CA GLY A 144 1.46 9.52 11.74
C GLY A 144 2.15 10.55 12.59
N GLY A 145 2.47 11.71 12.00
CA GLY A 145 3.14 12.78 12.71
C GLY A 145 4.64 12.70 12.52
N ASP A 146 5.41 12.48 13.61
CA ASP A 146 6.86 12.39 13.50
C ASP A 146 7.42 11.01 13.11
N SER A 147 6.54 9.98 13.06
CA SER A 147 6.94 8.66 12.61
C SER A 147 5.75 8.02 11.88
N ILE A 148 6.03 6.98 11.10
CA ILE A 148 4.99 6.35 10.30
C ILE A 148 3.97 5.60 11.12
N ASN A 149 2.73 5.60 10.64
CA ASN A 149 1.66 4.85 11.31
C ASN A 149 0.85 4.04 10.28
N LEU A 150 -0.33 3.47 10.67
CA LEU A 150 -1.10 2.67 9.70
C LEU A 150 -1.52 3.45 8.49
N VAL A 151 -1.72 4.77 8.63
CA VAL A 151 -2.13 5.61 7.50
C VAL A 151 -0.97 5.72 6.51
N ASP A 152 0.26 6.03 7.01
CA ASP A 152 1.42 6.02 6.08
C ASP A 152 1.57 4.67 5.39
N ILE A 153 1.41 3.56 6.16
CA ILE A 153 1.54 2.22 5.57
C ILE A 153 0.50 2.00 4.49
N SER A 154 -0.74 2.39 4.72
CA SER A 154 -1.80 2.26 3.73
C SER A 154 -1.57 3.07 2.46
N PHE A 155 -0.83 4.18 2.58
CA PHE A 155 -0.55 5.04 1.41
C PHE A 155 0.82 4.75 0.79
N GLY A 156 1.58 3.78 1.33
CA GLY A 156 2.90 3.46 0.79
C GLY A 156 2.88 3.06 -0.67
N LEU A 157 1.75 2.53 -1.16
CA LEU A 157 1.64 2.17 -2.58
C LEU A 157 1.79 3.40 -3.51
N PHE A 158 1.60 4.62 -2.98
CA PHE A 158 1.76 5.84 -3.77
C PHE A 158 3.24 6.22 -3.89
N THR A 159 4.18 5.38 -3.39
CA THR A 159 5.60 5.66 -3.53
C THR A 159 6.14 4.83 -4.74
N CYS A 160 6.90 3.72 -4.53
CA CYS A 160 7.53 3.07 -5.67
C CYS A 160 6.55 2.37 -6.61
N TRP A 161 5.39 1.91 -6.10
CA TRP A 161 4.41 1.27 -6.98
C TRP A 161 3.82 2.32 -7.93
N LEU A 162 3.46 3.49 -7.41
CA LEU A 162 2.90 4.54 -8.28
C LEU A 162 4.00 5.04 -9.25
N GLU A 163 5.25 5.11 -8.78
CA GLU A 163 6.37 5.54 -9.63
C GLU A 163 6.52 4.60 -10.82
N ALA A 164 6.36 3.28 -10.58
CA ALA A 164 6.44 2.26 -11.62
C ALA A 164 5.26 2.37 -12.59
N ILE A 165 4.04 2.62 -12.08
CA ILE A 165 2.84 2.82 -12.91
C ILE A 165 3.07 4.06 -13.81
N GLU A 166 3.63 5.14 -13.25
CA GLU A 166 3.89 6.36 -14.03
C GLU A 166 4.85 6.08 -15.19
N GLU A 167 5.92 5.32 -14.90
CA GLU A 167 6.90 4.99 -15.93
C GLU A 167 6.31 4.04 -16.99
N ALA A 168 5.55 3.03 -16.55
CA ALA A 168 4.92 2.08 -17.47
C ALA A 168 3.89 2.75 -18.39
N ALA A 169 3.10 3.67 -17.85
CA ALA A 169 2.05 4.34 -18.61
C ALA A 169 2.50 5.57 -19.38
N GLY A 170 3.63 6.14 -19.02
CA GLY A 170 4.14 7.32 -19.68
C GLY A 170 3.44 8.59 -19.27
N VAL A 171 2.93 8.64 -18.03
CA VAL A 171 2.31 9.87 -17.51
C VAL A 171 2.87 10.24 -16.16
N LYS A 172 2.79 11.51 -15.79
CA LYS A 172 3.27 11.98 -14.50
C LYS A 172 2.08 12.28 -13.59
N VAL A 173 2.19 11.89 -12.32
CA VAL A 173 1.13 12.11 -11.35
C VAL A 173 1.72 12.80 -10.09
N LEU A 174 2.53 12.09 -9.31
CA LEU A 174 3.04 12.65 -8.06
C LEU A 174 4.33 13.40 -8.35
N GLU A 175 4.20 14.73 -8.54
CA GLU A 175 5.34 15.61 -8.89
C GLU A 175 5.49 16.70 -7.83
N PRO A 176 6.71 17.20 -7.58
CA PRO A 176 6.88 18.24 -6.55
C PRO A 176 6.20 19.56 -6.89
N SER A 177 6.14 19.92 -8.19
CA SER A 177 5.49 21.18 -8.57
C SER A 177 4.01 21.20 -8.25
N THR A 178 3.35 20.04 -8.44
CA THR A 178 1.91 19.98 -8.29
C THR A 178 1.45 19.53 -6.92
N LEU A 179 2.25 18.65 -6.29
CA LEU A 179 1.90 18.15 -4.94
C LEU A 179 3.15 18.29 -4.05
N PRO A 180 3.53 19.51 -3.66
CA PRO A 180 4.79 19.68 -2.94
C PRO A 180 4.95 18.88 -1.65
N ARG A 181 3.92 18.93 -0.80
CA ARG A 181 4.00 18.24 0.49
C ARG A 181 3.88 16.74 0.33
N LEU A 182 2.99 16.28 -0.55
CA LEU A 182 2.88 14.82 -0.74
C LEU A 182 4.14 14.23 -1.38
N HIS A 183 4.78 14.99 -2.31
CA HIS A 183 6.00 14.49 -2.93
C HIS A 183 7.13 14.43 -1.90
N ALA A 184 7.21 15.42 -1.01
CA ALA A 184 8.23 15.42 0.07
C ALA A 184 7.96 14.22 1.01
N TRP A 185 6.67 13.97 1.30
CA TRP A 185 6.27 12.82 2.15
C TRP A 185 6.72 11.52 1.47
N ALA A 186 6.46 11.34 0.17
CA ALA A 186 6.79 10.09 -0.53
C ALA A 186 8.31 9.85 -0.46
N GLN A 187 9.11 10.93 -0.60
CA GLN A 187 10.57 10.80 -0.49
C GLN A 187 10.94 10.42 0.97
N ASN A 188 10.38 11.09 1.95
CA ASN A 188 10.68 10.81 3.36
C ASN A 188 10.25 9.38 3.73
N PHE A 189 9.11 8.92 3.21
CA PHE A 189 8.62 7.56 3.52
C PHE A 189 9.58 6.49 2.99
N ILE A 190 9.98 6.62 1.72
CA ILE A 190 10.86 5.67 1.08
C ILE A 190 12.27 5.67 1.70
N GLU A 191 12.65 6.78 2.36
CA GLU A 191 13.96 6.88 3.01
C GLU A 191 13.94 6.34 4.43
N VAL A 192 12.75 6.05 5.02
CA VAL A 192 12.71 5.46 6.38
C VAL A 192 13.43 4.10 6.29
N PRO A 193 14.45 3.84 7.13
CA PRO A 193 15.23 2.60 6.97
C PRO A 193 14.38 1.32 6.89
N LEU A 194 13.34 1.22 7.73
CA LEU A 194 12.45 0.06 7.68
C LEU A 194 11.80 -0.12 6.28
N ILE A 195 11.41 1.01 5.64
CA ILE A 195 10.80 0.92 4.31
C ILE A 195 11.87 0.63 3.25
N LYS A 196 12.97 1.38 3.27
CA LYS A 196 14.07 1.24 2.32
C LYS A 196 14.59 -0.23 2.24
N GLU A 197 14.68 -0.90 3.40
CA GLU A 197 15.15 -2.29 3.47
C GLU A 197 14.07 -3.33 3.11
N ASN A 198 12.81 -2.88 2.91
CA ASN A 198 11.70 -3.77 2.67
C ASN A 198 10.79 -3.28 1.54
N ILE A 199 11.35 -3.15 0.34
CA ILE A 199 10.57 -2.78 -0.83
C ILE A 199 11.05 -3.63 -2.00
N PRO A 200 10.16 -3.87 -2.98
CA PRO A 200 10.59 -4.65 -4.15
C PRO A 200 11.70 -3.92 -4.91
N ASP A 201 12.53 -4.68 -5.65
CA ASP A 201 13.56 -4.07 -6.50
C ASP A 201 12.81 -3.27 -7.59
N TYR A 202 13.17 -2.00 -7.78
CA TYR A 202 12.44 -1.16 -8.74
C TYR A 202 12.40 -1.74 -10.16
N ASP A 203 13.52 -2.27 -10.68
CA ASP A 203 13.54 -2.82 -12.03
C ASP A 203 12.57 -3.97 -12.20
N LYS A 204 12.48 -4.86 -11.19
CA LYS A 204 11.56 -5.98 -11.20
C LYS A 204 10.12 -5.46 -11.08
N LEU A 205 9.89 -4.46 -10.21
CA LEU A 205 8.54 -3.91 -10.03
C LEU A 205 8.07 -3.26 -11.34
N LEU A 206 8.95 -2.51 -12.02
CA LEU A 206 8.62 -1.84 -13.28
C LEU A 206 8.26 -2.89 -14.34
N LEU A 207 9.02 -3.99 -14.40
CA LEU A 207 8.73 -5.06 -15.35
C LEU A 207 7.37 -5.68 -15.08
N HIS A 208 7.03 -5.88 -13.79
CA HIS A 208 5.72 -6.40 -13.40
C HIS A 208 4.62 -5.42 -13.84
N MET A 209 4.79 -4.11 -13.57
CA MET A 209 3.79 -3.11 -13.93
C MET A 209 3.58 -3.00 -15.43
N LYS A 210 4.66 -3.13 -16.21
CA LYS A 210 4.54 -3.10 -17.67
C LYS A 210 3.70 -4.28 -18.18
N GLY A 211 3.86 -5.45 -17.55
CA GLY A 211 3.08 -6.63 -17.88
C GLY A 211 1.61 -6.49 -17.51
N VAL A 212 1.32 -5.84 -16.37
CA VAL A 212 -0.04 -5.60 -15.92
C VAL A 212 -0.72 -4.61 -16.90
N ARG A 213 0.01 -3.56 -17.34
N ARG A 213 0.01 -3.57 -17.34
CA ARG A 213 -0.54 -2.59 -18.28
CA ARG A 213 -0.52 -2.59 -18.27
C ARG A 213 -0.85 -3.23 -19.63
C ARG A 213 -0.84 -3.23 -19.63
N GLU A 214 0.00 -4.16 -20.07
CA GLU A 214 -0.19 -4.89 -21.33
C GLU A 214 -1.52 -5.65 -21.37
N LYS A 215 -1.87 -6.39 -20.30
CA LYS A 215 -3.13 -7.13 -20.29
C LYS A 215 -4.36 -6.24 -20.05
N MET A 216 -4.18 -5.08 -19.39
CA MET A 216 -5.28 -4.14 -19.19
C MET A 216 -5.48 -3.20 -20.42
N MET A 217 -4.50 -3.16 -21.35
CA MET A 217 -4.44 -2.35 -22.57
C MET A 217 -4.19 -0.88 -22.27
C1 KML B . -2.72 -3.78 -7.32
C2 KML B . -1.43 -3.26 -7.58
C3 KML B . -2.32 -1.01 -7.70
C4 KML B . -1.85 0.38 -7.37
O1 KML B . -1.19 -1.91 -7.55
O2 KML B . 0.59 -6.27 -7.77
O3 KML B . -4.07 -5.77 -7.10
O KML B . -4.99 -3.28 -6.98
C KML B . -3.85 -2.89 -7.06
C10 KML B . -3.53 -1.43 -6.89
C9 KML B . -0.56 0.60 -6.93
C8 KML B . -0.12 1.87 -6.63
C7 KML B . -0.98 2.96 -6.75
C6 KML B . -2.28 2.74 -7.18
C5 KML B . -2.71 1.47 -7.48
C11 KML B . -0.35 -4.08 -7.79
C12 KML B . -0.51 -5.46 -7.70
C13 KML B . -1.76 -6.01 -7.46
C14 KML B . -2.86 -5.19 -7.29
CL CL C . -5.51 -7.06 0.56
C TRS D . 7.97 -10.44 19.40
C1 TRS D . 7.73 -10.31 20.91
C2 TRS D . 7.84 -11.90 18.97
C3 TRS D . 6.98 -9.55 18.63
N TRS D . 9.36 -9.98 19.10
O1 TRS D . 8.08 -9.01 21.40
O2 TRS D . 8.25 -12.10 17.61
O3 TRS D . 6.99 -8.22 19.10
H11 TRS D . 8.29 -11.08 21.45
H12 TRS D . 6.69 -10.50 21.14
H21 TRS D . 6.81 -12.25 18.99
H22 TRS D . 8.37 -12.55 19.66
H31 TRS D . 6.00 -10.03 18.64
H32 TRS D . 7.26 -9.48 17.58
HN1 TRS D . 9.43 -8.96 19.14
HN2 TRS D . 9.65 -10.27 18.17
HN3 TRS D . 10.02 -10.37 19.76
HO1 TRS D . 9.05 -9.03 21.60
HO2 TRS D . 9.18 -12.44 17.62
HO3 TRS D . 6.07 -7.98 19.42
#